data_4FUF
#
_entry.id   4FUF
#
_cell.length_a   55.100
_cell.length_b   52.400
_cell.length_c   80.250
_cell.angle_alpha   90.000
_cell.angle_beta   90.000
_cell.angle_gamma   90.000
#
_symmetry.space_group_name_H-M   'P 21 21 21'
#
loop_
_entity.id
_entity.type
_entity.pdbx_description
1 polymer 'Urokinase-type plasminogen activator'
2 non-polymer 8-(3-bromopropoxy)-7-methoxynaphthalene-2-carboximidamide
3 non-polymer 'SUCCINIC ACID'
4 non-polymer 'SULFATE ION'
5 non-polymer GLYCEROL
6 non-polymer 'ACETATE ION'
7 water water
#
_entity_poly.entity_id   1
_entity_poly.type   'polypeptide(L)'
_entity_poly.pdbx_seq_one_letter_code
;IIGGEFTTIENQPWFAAIYRRHRGGSVTYVCGGSLISPCWVISATHCFIDYPKKEDYIVYLGRSRLNSNTQGEMKFEVEN
LILHKDYSADTLAHHNDIALLKIRSKEGRCAQPSRTIQTIALPSMYNDPQFGTSCEITGFGKEQSTDYLYPEQLKMTVVK
LISHRECQQPHYYGSEVTTKMLCAADPQWKTDSCQGDSGGPLVCSLQGRMTLTGIVSWGRGCALKDKPGVYTRVSHFLPW
IRSHTK
;
_entity_poly.pdbx_strand_id   A
#
loop_
_chem_comp.id
_chem_comp.type
_chem_comp.name
_chem_comp.formula
8UP non-polymer 8-(3-bromopropoxy)-7-methoxynaphthalene-2-carboximidamide 'C15 H17 Br N2 O2'
ACT non-polymer 'ACETATE ION' 'C2 H3 O2 -1'
GOL non-polymer GLYCEROL 'C3 H8 O3'
SIN non-polymer 'SUCCINIC ACID' 'C4 H6 O4'
SO4 non-polymer 'SULFATE ION' 'O4 S -2'
#
# COMPACT_ATOMS: atom_id res chain seq x y z
N ILE A 1 6.76 6.96 6.05
CA ILE A 1 5.84 8.01 6.51
C ILE A 1 6.60 9.20 7.10
N ILE A 2 6.38 10.39 6.51
CA ILE A 2 6.94 11.66 7.00
C ILE A 2 5.93 12.15 8.03
N GLY A 3 6.40 12.51 9.22
CA GLY A 3 5.53 12.97 10.29
C GLY A 3 4.61 11.87 10.76
N GLY A 4 3.40 12.24 11.14
CA GLY A 4 2.42 11.28 11.64
C GLY A 4 2.83 10.71 12.98
N GLU A 5 2.47 9.46 13.25
CA GLU A 5 2.71 8.83 14.55
C GLU A 5 3.17 7.41 14.43
N PHE A 6 3.97 6.95 15.42
CA PHE A 6 4.32 5.55 15.53
C PHE A 6 3.06 4.84 15.94
N THR A 7 2.87 3.61 15.44
CA THR A 7 1.66 2.86 15.74
C THR A 7 2.03 1.40 15.91
N THR A 8 1.06 0.51 16.04
CA THR A 8 1.28 -0.94 16.15
C THR A 8 0.28 -1.61 15.23
N ILE A 9 0.51 -2.88 14.90
CA ILE A 9 -0.32 -3.65 13.97
C ILE A 9 -1.79 -3.84 14.39
N GLU A 10 -2.06 -3.80 15.71
CA GLU A 10 -3.45 -3.95 16.16
C GLU A 10 -4.30 -2.77 15.71
N ASN A 11 -3.66 -1.62 15.41
CA ASN A 11 -4.45 -0.47 14.92
C ASN A 11 -4.61 -0.45 13.39
N GLN A 12 -3.84 -1.30 12.67
CA GLN A 12 -3.78 -1.39 11.21
CA GLN A 12 -3.87 -1.40 11.19
C GLN A 12 -3.74 -2.91 10.86
N PRO A 13 -4.72 -3.76 11.31
CA PRO A 13 -4.54 -5.22 11.15
C PRO A 13 -4.52 -5.85 9.78
N TRP A 14 -4.92 -5.09 8.76
CA TRP A 14 -4.89 -5.50 7.36
C TRP A 14 -3.51 -5.26 6.75
N PHE A 15 -2.62 -4.56 7.50
CA PHE A 15 -1.30 -4.22 6.98
C PHE A 15 -0.33 -5.39 6.81
N ALA A 16 0.17 -5.55 5.56
CA ALA A 16 1.11 -6.61 5.22
C ALA A 16 2.48 -6.01 4.99
N ALA A 17 3.51 -6.62 5.59
CA ALA A 17 4.93 -6.23 5.51
C ALA A 17 5.62 -7.18 4.55
N ILE A 18 6.08 -6.67 3.37
CA ILE A 18 6.66 -7.52 2.34
C ILE A 18 8.17 -7.31 2.21
N TYR A 19 8.92 -8.42 2.33
CA TYR A 19 10.39 -8.44 2.27
C TYR A 19 10.84 -9.31 1.12
N ARG A 20 12.11 -9.17 0.73
CA ARG A 20 12.73 -9.96 -0.32
C ARG A 20 14.04 -10.58 0.19
N ARG A 21 14.22 -11.87 -0.13
CA ARG A 21 15.40 -12.68 0.20
CA ARG A 21 15.43 -12.61 0.22
C ARG A 21 16.41 -12.42 -0.93
N HIS A 22 17.66 -12.12 -0.60
CA HIS A 22 18.71 -11.93 -1.61
C HIS A 22 19.60 -13.18 -1.64
N ARG A 23 20.37 -13.38 -2.73
CA ARG A 23 21.37 -14.45 -2.81
C ARG A 23 22.37 -14.14 -1.70
N GLY A 24 22.66 -15.14 -0.86
CA GLY A 24 23.52 -14.98 0.30
C GLY A 24 22.73 -15.03 1.59
N GLY A 25 21.41 -14.87 1.49
CA GLY A 25 20.48 -14.98 2.61
C GLY A 25 20.05 -13.72 3.34
N SER A 26 20.48 -12.52 2.87
CA SER A 26 20.06 -11.29 3.55
C SER A 26 18.62 -10.98 3.18
N VAL A 27 17.85 -10.52 4.17
CA VAL A 27 16.45 -10.15 3.96
C VAL A 27 16.31 -8.63 4.11
N THR A 28 15.69 -7.97 3.12
CA THR A 28 15.46 -6.52 3.14
C THR A 28 13.98 -6.22 2.90
N TYR A 29 13.48 -5.17 3.57
CA TYR A 29 12.11 -4.75 3.40
C TYR A 29 11.89 -4.22 1.98
N VAL A 30 10.73 -4.51 1.37
CA VAL A 30 10.42 -4.05 0.00
C VAL A 30 9.31 -2.99 0.01
N CYS A 31 8.09 -3.42 0.39
CA CYS A 31 6.89 -2.56 0.31
C CYS A 31 5.86 -3.03 1.31
N GLY A 32 4.81 -2.23 1.45
CA GLY A 32 3.63 -2.57 2.20
C GLY A 32 2.62 -3.26 1.30
N GLY A 33 1.54 -3.70 1.91
CA GLY A 33 0.46 -4.36 1.21
C GLY A 33 -0.73 -4.39 2.12
N SER A 34 -1.88 -4.88 1.62
CA SER A 34 -3.10 -4.98 2.43
C SER A 34 -3.77 -6.34 2.25
N LEU A 35 -4.24 -6.91 3.35
CA LEU A 35 -4.94 -8.18 3.28
C LEU A 35 -6.40 -7.93 2.85
N ILE A 36 -6.79 -8.40 1.66
CA ILE A 36 -8.17 -8.21 1.17
C ILE A 36 -9.09 -9.43 1.37
N SER A 37 -8.46 -10.60 1.59
CA SER A 37 -9.13 -11.87 1.87
C SER A 37 -8.05 -12.77 2.49
N PRO A 38 -8.38 -13.86 3.22
CA PRO A 38 -7.31 -14.64 3.89
C PRO A 38 -6.11 -15.06 3.04
N CYS A 39 -6.30 -15.38 1.74
CA CYS A 39 -5.26 -15.85 0.80
C CYS A 39 -4.62 -14.75 -0.03
N TRP A 40 -5.18 -13.54 0.03
CA TRP A 40 -4.80 -12.47 -0.87
C TRP A 40 -4.37 -11.16 -0.28
N VAL A 41 -3.16 -10.76 -0.67
CA VAL A 41 -2.57 -9.47 -0.29
C VAL A 41 -2.51 -8.62 -1.56
N ILE A 42 -3.00 -7.37 -1.47
CA ILE A 42 -2.94 -6.43 -2.60
C ILE A 42 -1.83 -5.39 -2.37
N SER A 43 -1.04 -5.13 -3.39
CA SER A 43 0.08 -4.19 -3.28
C SER A 43 0.25 -3.49 -4.62
N ALA A 44 1.46 -3.02 -4.94
CA ALA A 44 1.75 -2.28 -6.15
C ALA A 44 2.73 -3.04 -7.05
N THR A 45 2.45 -3.12 -8.36
CA THR A 45 3.38 -3.78 -9.29
C THR A 45 4.84 -3.26 -9.23
N HIS A 46 5.05 -1.93 -9.15
CA HIS A 46 6.42 -1.37 -9.18
C HIS A 46 7.35 -1.94 -8.12
N CYS A 47 6.78 -2.41 -7.01
CA CYS A 47 7.52 -3.04 -5.89
C CYS A 47 8.23 -4.31 -6.32
N PHE A 48 7.70 -5.00 -7.35
CA PHE A 48 8.12 -6.34 -7.76
C PHE A 48 8.60 -6.52 -9.19
N ILE A 49 8.24 -5.60 -10.10
CA ILE A 49 8.53 -5.71 -11.54
C ILE A 49 10.00 -6.03 -11.90
N ASP A 50 10.97 -5.52 -11.12
CA ASP A 50 12.39 -5.76 -11.40
C ASP A 50 12.88 -7.06 -10.80
N TYR A 51 12.09 -7.64 -9.86
CA TYR A 51 12.47 -8.90 -9.22
C TYR A 51 11.20 -9.76 -9.22
N PRO A 52 10.76 -10.26 -10.41
CA PRO A 52 9.44 -10.90 -10.48
C PRO A 52 9.36 -12.38 -10.10
N LYS A 53 10.30 -12.84 -9.26
CA LYS A 53 10.39 -14.23 -8.80
CA LYS A 53 10.37 -14.23 -8.79
C LYS A 53 9.60 -14.34 -7.50
N LYS A 54 8.42 -14.97 -7.55
CA LYS A 54 7.61 -15.09 -6.33
C LYS A 54 8.35 -15.76 -5.15
N GLU A 55 9.28 -16.70 -5.44
CA GLU A 55 10.03 -17.45 -4.41
C GLU A 55 10.87 -16.51 -3.49
N ASP A 56 11.27 -15.34 -4.00
CA ASP A 56 12.12 -14.39 -3.24
C ASP A 56 11.39 -13.63 -2.13
N TYR A 57 10.06 -13.63 -2.16
CA TYR A 57 9.29 -12.83 -1.22
C TYR A 57 8.86 -13.50 0.05
N ILE A 58 8.85 -12.70 1.13
CA ILE A 58 8.37 -13.06 2.46
C ILE A 58 7.28 -12.06 2.81
N VAL A 59 6.10 -12.55 3.23
CA VAL A 59 5.00 -11.65 3.62
C VAL A 59 4.69 -11.93 5.08
N TYR A 60 4.62 -10.87 5.89
CA TYR A 60 4.19 -10.98 7.27
C TYR A 60 2.86 -10.27 7.49
N LEU A 61 2.02 -10.85 8.37
CA LEU A 61 0.79 -10.23 8.83
C LEU A 61 0.94 -10.16 10.36
N GLY A 62 0.34 -9.17 11.00
CA GLY A 62 0.41 -9.01 12.45
C GLY A 62 1.79 -8.61 12.96
N ARG A 63 2.61 -8.00 12.08
CA ARG A 63 3.96 -7.55 12.39
C ARG A 63 3.97 -6.01 12.54
N SER A 64 4.47 -5.53 13.70
CA SER A 64 4.51 -4.11 14.10
C SER A 64 5.87 -3.45 13.91
N ARG A 65 6.91 -4.26 13.86
CA ARG A 65 8.27 -3.75 13.78
C ARG A 65 9.04 -4.39 12.66
N LEU A 66 9.97 -3.61 12.10
CA LEU A 66 10.76 -3.99 10.95
C LEU A 66 11.65 -5.20 11.19
N ASN A 67 12.21 -5.33 12.41
CA ASN A 67 13.11 -6.44 12.82
C ASN A 67 12.76 -7.05 14.18
N SER A 68 11.48 -7.27 14.41
CA SER A 68 11.04 -7.89 15.65
C SER A 68 9.90 -8.82 15.26
N ASN A 69 9.92 -10.05 15.79
CA ASN A 69 8.87 -11.04 15.52
C ASN A 69 7.71 -10.79 16.48
N THR A 70 6.84 -9.82 16.13
CA THR A 70 5.65 -9.43 16.91
C THR A 70 4.84 -10.65 17.36
N GLN A 71 4.44 -10.67 18.63
CA GLN A 71 3.62 -11.75 19.17
C GLN A 71 2.33 -11.79 18.34
N GLY A 72 1.96 -12.98 17.87
CA GLY A 72 0.77 -13.18 17.06
C GLY A 72 0.96 -13.01 15.57
N GLU A 73 2.19 -12.63 15.12
CA GLU A 73 2.44 -12.46 13.70
C GLU A 73 2.45 -13.79 12.98
N MET A 74 2.16 -13.76 11.67
CA MET A 74 2.18 -14.95 10.83
CA MET A 74 2.11 -14.93 10.79
C MET A 74 3.04 -14.65 9.58
N LYS A 75 3.89 -15.62 9.21
CA LYS A 75 4.82 -15.51 8.10
C LYS A 75 4.34 -16.34 6.90
N PHE A 76 4.44 -15.77 5.66
CA PHE A 76 3.98 -16.46 4.47
C PHE A 76 4.96 -16.37 3.29
N GLU A 77 4.78 -17.29 2.34
CA GLU A 77 5.49 -17.27 1.07
C GLU A 77 4.44 -16.92 0.07
N VAL A 78 4.87 -16.56 -1.13
CA VAL A 78 3.96 -16.13 -2.18
C VAL A 78 3.73 -17.30 -3.13
N GLU A 79 2.49 -17.80 -3.14
CA GLU A 79 2.08 -18.93 -3.98
C GLU A 79 1.90 -18.47 -5.43
N ASN A 80 1.47 -17.22 -5.60
CA ASN A 80 1.22 -16.61 -6.90
C ASN A 80 1.43 -15.13 -6.78
N LEU A 81 2.30 -14.60 -7.62
CA LEU A 81 2.62 -13.18 -7.72
C LEU A 81 1.97 -12.72 -9.03
N ILE A 82 0.88 -11.95 -8.93
CA ILE A 82 0.15 -11.46 -10.07
C ILE A 82 0.43 -9.97 -10.27
N LEU A 83 1.09 -9.65 -11.38
CA LEU A 83 1.41 -8.28 -11.72
C LEU A 83 0.43 -7.83 -12.81
N HIS A 84 -0.02 -6.57 -12.78
CA HIS A 84 -0.92 -6.06 -13.82
C HIS A 84 -0.20 -6.04 -15.19
N LYS A 85 -0.77 -6.72 -16.20
CA LYS A 85 -0.22 -6.81 -17.57
C LYS A 85 0.06 -5.46 -18.22
N ASP A 86 -0.70 -4.40 -17.86
CA ASP A 86 -0.49 -3.08 -18.47
C ASP A 86 0.23 -2.05 -17.59
N TYR A 87 1.01 -2.55 -16.62
CA TYR A 87 1.84 -1.69 -15.77
C TYR A 87 2.91 -1.01 -16.63
N SER A 88 3.21 0.26 -16.33
CA SER A 88 4.30 1.00 -16.96
C SER A 88 4.67 2.16 -16.07
N ALA A 89 5.91 2.64 -16.18
CA ALA A 89 6.41 3.75 -15.38
C ALA A 89 6.92 4.83 -16.29
N ASP A 90 6.43 6.04 -16.07
CA ASP A 90 6.89 7.23 -16.76
C ASP A 90 7.88 7.85 -15.78
N THR A 91 8.40 9.08 -16.06
CA THR A 91 9.37 9.74 -15.15
C THR A 91 8.82 9.84 -13.72
N LEU A 92 7.52 10.10 -13.60
CA LEU A 92 6.89 10.15 -12.29
C LEU A 92 5.75 9.18 -12.19
N ALA A 93 4.83 9.25 -13.14
CA ALA A 93 3.60 8.48 -13.13
C ALA A 93 3.78 6.99 -13.34
N HIS A 94 3.18 6.19 -12.44
CA HIS A 94 3.18 4.73 -12.51
C HIS A 94 1.76 4.33 -12.86
N HIS A 95 1.59 3.54 -13.93
CA HIS A 95 0.29 3.16 -14.47
C HIS A 95 -0.05 1.75 -14.14
N ASN A 96 -1.33 1.49 -13.80
CA ASN A 96 -1.83 0.15 -13.44
C ASN A 96 -0.93 -0.43 -12.38
N ASP A 97 -0.59 0.41 -11.40
CA ASP A 97 0.34 0.06 -10.33
C ASP A 97 -0.37 -0.73 -9.22
N ILE A 98 -0.67 -1.98 -9.54
CA ILE A 98 -1.44 -2.87 -8.68
C ILE A 98 -0.96 -4.30 -8.89
N ALA A 99 -0.88 -5.05 -7.79
CA ALA A 99 -0.41 -6.41 -7.79
C ALA A 99 -1.16 -7.19 -6.75
N LEU A 100 -1.27 -8.48 -6.98
CA LEU A 100 -1.87 -9.42 -6.06
C LEU A 100 -0.88 -10.48 -5.68
N LEU A 101 -0.81 -10.80 -4.39
CA LEU A 101 0.08 -11.81 -3.85
C LEU A 101 -0.79 -12.84 -3.14
N LYS A 102 -0.84 -14.06 -3.70
CA LYS A 102 -1.55 -15.16 -3.06
C LYS A 102 -0.59 -15.71 -2.03
N ILE A 103 -1.01 -15.70 -0.75
CA ILE A 103 -0.16 -16.09 0.38
C ILE A 103 -0.43 -17.49 0.89
N ARG A 104 0.64 -18.16 1.30
CA ARG A 104 0.58 -19.53 1.79
CA ARG A 104 0.57 -19.54 1.81
C ARG A 104 1.60 -19.73 2.92
N SER A 105 1.18 -20.27 4.06
CA SER A 105 2.14 -20.55 5.14
C SER A 105 2.90 -21.84 4.72
N LYS A 106 3.94 -22.22 5.47
CA LYS A 106 4.74 -23.42 5.16
C LYS A 106 3.88 -24.69 5.19
N GLU A 107 2.76 -24.65 5.92
CA GLU A 107 1.77 -25.72 6.08
C GLU A 107 0.70 -25.68 4.98
N GLY A 108 0.77 -24.65 4.13
CA GLY A 108 -0.15 -24.47 3.02
C GLY A 108 -1.42 -23.70 3.33
N ARG A 109 -1.44 -22.96 4.43
CA ARG A 109 -2.64 -22.23 4.84
C ARG A 109 -2.60 -20.74 4.54
N CYS A 110 -3.79 -20.17 4.41
CA CYS A 110 -3.97 -18.76 4.21
C CYS A 110 -4.03 -18.10 5.57
N ALA A 111 -4.20 -16.76 5.66
CA ALA A 111 -4.20 -16.07 6.95
C ALA A 111 -5.32 -16.55 7.86
N GLN A 112 -5.04 -16.53 9.17
CA GLN A 112 -6.02 -16.84 10.19
C GLN A 112 -6.38 -15.52 10.89
N PRO A 113 -7.59 -14.97 10.64
CA PRO A 113 -7.96 -13.70 11.26
C PRO A 113 -7.91 -13.77 12.77
N SER A 114 -7.40 -12.68 13.38
CA SER A 114 -7.22 -12.54 14.82
C SER A 114 -7.36 -11.07 15.17
N ARG A 115 -7.04 -10.70 16.41
CA ARG A 115 -7.08 -9.31 16.85
C ARG A 115 -6.04 -8.46 16.07
N THR A 116 -4.93 -9.06 15.65
CA THR A 116 -3.87 -8.34 14.96
C THR A 116 -3.80 -8.62 13.44
N ILE A 117 -4.68 -9.51 12.93
CA ILE A 117 -4.72 -9.89 11.50
C ILE A 117 -6.17 -9.86 11.05
N GLN A 118 -6.54 -8.86 10.22
CA GLN A 118 -7.89 -8.69 9.71
CA GLN A 118 -7.89 -8.68 9.72
C GLN A 118 -7.88 -8.25 8.26
N THR A 119 -8.94 -8.53 7.53
CA THR A 119 -9.00 -8.08 6.13
C THR A 119 -9.50 -6.62 6.14
N ILE A 120 -9.31 -5.92 5.02
CA ILE A 120 -9.82 -4.56 4.79
C ILE A 120 -10.81 -4.69 3.64
N ALA A 121 -12.02 -4.15 3.82
CA ALA A 121 -13.05 -4.20 2.78
C ALA A 121 -12.63 -3.43 1.52
N LEU A 122 -12.98 -3.98 0.36
CA LEU A 122 -12.74 -3.31 -0.91
C LEU A 122 -13.81 -2.22 -1.15
N PRO A 123 -13.52 -1.18 -1.95
CA PRO A 123 -14.55 -0.17 -2.25
C PRO A 123 -15.60 -0.69 -3.21
N SER A 124 -16.70 0.07 -3.33
CA SER A 124 -17.81 -0.19 -4.25
C SER A 124 -17.46 0.57 -5.52
N MET A 125 -17.97 0.13 -6.68
CA MET A 125 -17.67 0.86 -7.91
CA MET A 125 -17.70 0.82 -7.94
C MET A 125 -18.41 2.19 -7.99
N TYR A 126 -17.73 3.23 -8.52
CA TYR A 126 -18.24 4.62 -8.67
C TYR A 126 -18.64 5.26 -7.33
N ASN A 127 -17.98 4.83 -6.24
CA ASN A 127 -18.30 5.35 -4.92
C ASN A 127 -17.05 5.56 -4.08
N ASP A 128 -16.23 6.52 -4.47
CA ASP A 128 -15.04 6.90 -3.72
C ASP A 128 -15.41 8.08 -2.82
N PRO A 129 -14.64 8.43 -1.76
CA PRO A 129 -15.05 9.57 -0.93
C PRO A 129 -14.85 10.87 -1.70
N GLN A 130 -15.52 11.95 -1.26
CA GLN A 130 -15.40 13.27 -1.89
CA GLN A 130 -15.40 13.27 -1.91
C GLN A 130 -14.03 13.86 -1.55
N PHE A 131 -13.51 14.78 -2.39
CA PHE A 131 -12.25 15.47 -2.11
C PHE A 131 -12.40 16.17 -0.74
N GLY A 132 -11.31 16.23 0.04
CA GLY A 132 -11.35 16.83 1.37
C GLY A 132 -11.58 15.83 2.48
N THR A 133 -11.97 14.59 2.11
CA THR A 133 -12.17 13.49 3.07
C THR A 133 -10.81 13.15 3.64
N SER A 134 -10.78 12.93 4.96
CA SER A 134 -9.55 12.53 5.63
CA SER A 134 -9.57 12.54 5.64
C SER A 134 -9.41 11.01 5.55
N CYS A 135 -8.22 10.54 5.18
CA CYS A 135 -7.91 9.12 5.04
C CYS A 135 -6.59 8.80 5.69
N GLU A 136 -6.38 7.53 6.06
CA GLU A 136 -5.14 7.18 6.71
C GLU A 136 -4.24 6.37 5.80
N ILE A 137 -2.95 6.44 6.08
CA ILE A 137 -1.90 5.67 5.41
C ILE A 137 -1.03 5.02 6.48
N THR A 138 -0.45 3.87 6.15
CA THR A 138 0.41 3.10 7.06
C THR A 138 1.63 2.65 6.30
N GLY A 139 2.76 2.55 6.99
CA GLY A 139 3.93 2.00 6.36
C GLY A 139 5.21 2.09 7.15
N PHE A 140 6.23 1.36 6.68
CA PHE A 140 7.56 1.32 7.23
C PHE A 140 8.49 2.21 6.38
N GLY A 141 7.92 3.07 5.53
CA GLY A 141 8.69 3.96 4.67
C GLY A 141 9.50 5.03 5.38
N LYS A 142 10.39 5.72 4.63
CA LYS A 142 11.24 6.77 5.20
C LYS A 142 10.49 7.81 6.01
N GLU A 143 11.15 8.29 7.09
CA GLU A 143 10.63 9.36 7.92
C GLU A 143 11.05 10.72 7.38
N GLN A 144 12.11 10.76 6.56
CA GLN A 144 12.65 11.96 5.89
C GLN A 144 13.19 11.51 4.55
N SER A 145 13.05 12.35 3.52
CA SER A 145 13.55 12.04 2.17
C SER A 145 15.06 11.80 2.19
N THR A 146 15.80 12.47 3.10
CA THR A 146 17.25 12.30 3.18
C THR A 146 17.68 11.03 3.93
N ASP A 147 16.76 10.32 4.60
CA ASP A 147 17.13 9.07 5.29
C ASP A 147 17.40 7.97 4.27
N TYR A 148 18.27 6.99 4.64
CA TYR A 148 18.51 5.80 3.82
C TYR A 148 17.98 4.58 4.60
N LEU A 149 17.76 4.76 5.93
CA LEU A 149 17.21 3.69 6.77
C LEU A 149 15.72 3.92 6.93
N TYR A 150 14.99 2.84 7.18
CA TYR A 150 13.55 2.90 7.43
C TYR A 150 13.30 2.85 8.95
N PRO A 151 12.18 3.43 9.43
CA PRO A 151 11.90 3.35 10.87
C PRO A 151 11.72 1.90 11.33
N GLU A 152 12.17 1.61 12.55
CA GLU A 152 12.04 0.29 13.15
C GLU A 152 10.57 0.04 13.54
N GLN A 153 9.85 1.07 13.98
CA GLN A 153 8.46 0.91 14.35
C GLN A 153 7.51 1.37 13.24
N LEU A 154 6.40 0.64 13.05
CA LEU A 154 5.37 0.98 12.06
C LEU A 154 4.81 2.40 12.30
N LYS A 155 4.56 3.13 11.20
CA LYS A 155 3.99 4.48 11.29
C LYS A 155 2.69 4.59 10.57
N MET A 156 1.90 5.60 10.93
CA MET A 156 0.66 5.96 10.27
C MET A 156 0.56 7.48 10.25
N THR A 157 -0.25 7.99 9.34
CA THR A 157 -0.61 9.40 9.30
C THR A 157 -1.98 9.53 8.68
N VAL A 158 -2.49 10.75 8.67
CA VAL A 158 -3.78 11.07 8.08
C VAL A 158 -3.53 12.18 7.05
N VAL A 159 -4.09 11.99 5.84
CA VAL A 159 -4.00 12.94 4.73
C VAL A 159 -5.41 13.19 4.15
N LYS A 160 -5.58 14.26 3.36
CA LYS A 160 -6.86 14.60 2.74
C LYS A 160 -6.83 14.33 1.26
N LEU A 161 -7.92 13.77 0.72
CA LEU A 161 -8.03 13.51 -0.71
C LEU A 161 -8.15 14.82 -1.45
N ILE A 162 -7.49 14.87 -2.61
CA ILE A 162 -7.43 16.02 -3.51
C ILE A 162 -8.15 15.62 -4.80
N SER A 163 -9.00 16.53 -5.33
CA SER A 163 -9.72 16.26 -6.58
C SER A 163 -8.75 16.06 -7.75
N HIS A 164 -9.22 15.37 -8.81
CA HIS A 164 -8.44 15.16 -10.02
C HIS A 164 -8.13 16.54 -10.69
N ARG A 165 -9.12 17.45 -10.75
CA ARG A 165 -8.95 18.81 -11.32
C ARG A 165 -7.80 19.59 -10.65
N GLU A 166 -7.74 19.58 -9.29
CA GLU A 166 -6.66 20.24 -8.56
C GLU A 166 -5.33 19.53 -8.80
N CYS A 167 -5.36 18.18 -8.76
CA CYS A 167 -4.14 17.44 -8.94
C CYS A 167 -3.51 17.57 -10.32
N GLN A 168 -4.33 17.90 -11.33
CA GLN A 168 -3.92 18.13 -12.72
C GLN A 168 -3.49 19.58 -12.97
N GLN A 169 -3.47 20.45 -11.93
CA GLN A 169 -3.00 21.84 -12.09
C GLN A 169 -1.50 21.79 -12.50
N PRO A 170 -0.99 22.81 -13.24
CA PRO A 170 0.42 22.76 -13.68
C PRO A 170 1.46 22.67 -12.56
N HIS A 171 1.27 23.34 -11.39
CA HIS A 171 2.27 23.26 -10.31
C HIS A 171 2.20 21.93 -9.53
N TYR A 172 1.09 21.19 -9.73
CA TYR A 172 0.87 19.86 -9.16
C TYR A 172 1.43 18.84 -10.16
N TYR A 173 0.60 18.00 -10.78
CA TYR A 173 1.16 17.01 -11.73
C TYR A 173 0.72 17.15 -13.19
N GLY A 174 -0.06 18.19 -13.50
CA GLY A 174 -0.51 18.38 -14.88
C GLY A 174 -1.27 17.16 -15.40
N SER A 175 -1.12 16.85 -16.71
CA SER A 175 -1.80 15.69 -17.30
C SER A 175 -1.12 14.34 -16.98
N GLU A 176 -0.01 14.35 -16.18
CA GLU A 176 0.69 13.11 -15.78
C GLU A 176 -0.16 12.26 -14.83
N VAL A 177 -1.02 12.90 -14.02
CA VAL A 177 -1.90 12.17 -13.09
C VAL A 177 -3.24 11.93 -13.82
N THR A 178 -3.75 10.68 -13.79
CA THR A 178 -4.95 10.30 -14.55
C THR A 178 -6.18 10.05 -13.67
N THR A 179 -7.34 9.74 -14.28
CA THR A 179 -8.58 9.49 -13.53
C THR A 179 -8.52 8.12 -12.84
N LYS A 180 -7.51 7.29 -13.18
CA LYS A 180 -7.32 5.98 -12.52
C LYS A 180 -6.45 6.11 -11.25
N MET A 181 -6.07 7.35 -10.92
CA MET A 181 -5.20 7.70 -9.80
C MET A 181 -5.88 8.67 -8.88
N LEU A 182 -5.58 8.56 -7.59
CA LEU A 182 -6.13 9.44 -6.55
CA LEU A 182 -6.15 9.46 -6.59
C LEU A 182 -5.02 10.19 -5.84
N CYS A 183 -5.16 11.50 -5.69
CA CYS A 183 -4.18 12.31 -4.97
C CYS A 183 -4.65 12.53 -3.60
N ALA A 184 -3.70 12.54 -2.66
CA ALA A 184 -3.98 12.82 -1.26
C ALA A 184 -2.73 13.43 -0.64
N ALA A 185 -2.90 14.44 0.24
CA ALA A 185 -1.77 15.09 0.93
C ALA A 185 -2.24 15.86 2.16
N ASP A 186 -1.25 16.41 2.86
CA ASP A 186 -1.45 17.27 3.99
C ASP A 186 -1.65 18.70 3.42
N PRO A 187 -2.73 19.48 3.75
CA PRO A 187 -2.81 20.89 3.25
C PRO A 187 -1.57 21.73 3.63
N GLN A 188 -0.89 21.40 4.75
CA GLN A 188 0.33 22.07 5.21
C GLN A 188 1.63 21.42 4.70
N TRP A 189 1.54 20.34 3.86
CA TRP A 189 2.74 19.65 3.33
C TRP A 189 3.74 19.17 4.42
N LYS A 190 3.27 18.80 5.61
CA LYS A 190 4.18 18.36 6.69
C LYS A 190 4.19 16.83 6.86
N THR A 191 3.14 16.17 6.41
CA THR A 191 3.06 14.72 6.57
C THR A 191 2.71 14.07 5.25
N ASP A 192 3.24 12.87 5.00
CA ASP A 192 3.00 12.22 3.71
C ASP A 192 3.54 10.79 3.73
N SER A 193 3.20 10.00 2.69
CA SER A 193 3.82 8.69 2.51
C SER A 193 5.17 9.02 1.79
N CYS A 194 6.11 8.07 1.82
CA CYS A 194 7.40 8.29 1.20
C CYS A 194 7.92 6.96 0.66
N GLN A 195 9.14 6.95 0.08
CA GLN A 195 9.78 5.73 -0.42
C GLN A 195 9.78 4.68 0.71
N GLY A 196 9.31 3.47 0.40
CA GLY A 196 9.20 2.37 1.38
C GLY A 196 7.75 2.16 1.78
N ASP A 197 6.91 3.17 1.58
CA ASP A 197 5.46 3.07 1.87
C ASP A 197 4.67 2.53 0.68
N SER A 198 5.32 2.40 -0.49
CA SER A 198 4.62 1.89 -1.69
C SER A 198 3.93 0.57 -1.47
N GLY A 199 2.83 0.36 -2.17
CA GLY A 199 2.07 -0.88 -2.02
C GLY A 199 1.12 -0.86 -0.84
N GLY A 200 1.41 -0.01 0.14
CA GLY A 200 0.62 0.13 1.37
C GLY A 200 -0.75 0.73 1.19
N PRO A 201 -1.61 0.65 2.22
CA PRO A 201 -3.00 1.14 2.07
C PRO A 201 -3.24 2.63 2.27
N LEU A 202 -4.22 3.15 1.53
CA LEU A 202 -4.80 4.44 1.78
C LEU A 202 -6.23 4.03 2.21
N VAL A 203 -6.53 4.11 3.51
CA VAL A 203 -7.82 3.66 4.04
C VAL A 203 -8.74 4.86 4.35
N CYS A 204 -9.96 4.84 3.79
CA CYS A 204 -10.95 5.90 3.99
C CYS A 204 -12.18 5.33 4.64
N SER A 205 -12.72 6.04 5.64
CA SER A 205 -13.99 5.62 6.26
C SER A 205 -15.07 6.26 5.37
N LEU A 206 -15.87 5.43 4.70
CA LEU A 206 -16.90 5.96 3.82
C LEU A 206 -18.23 5.34 4.20
N GLN A 207 -19.21 6.20 4.53
CA GLN A 207 -20.54 5.78 4.96
C GLN A 207 -20.45 4.81 6.18
N GLY A 208 -19.53 5.13 7.09
CA GLY A 208 -19.28 4.36 8.31
C GLY A 208 -18.44 3.10 8.16
N ARG A 209 -17.96 2.80 6.93
CA ARG A 209 -17.17 1.60 6.68
C ARG A 209 -15.75 1.93 6.27
N MET A 210 -14.76 1.29 6.92
CA MET A 210 -13.33 1.44 6.62
C MET A 210 -13.08 0.73 5.27
N THR A 211 -12.55 1.46 4.31
CA THR A 211 -12.40 0.92 2.95
C THR A 211 -10.98 1.07 2.40
N LEU A 212 -10.51 0.12 1.56
CA LEU A 212 -9.21 0.26 0.88
C LEU A 212 -9.45 1.11 -0.37
N THR A 213 -9.39 2.42 -0.19
CA THR A 213 -9.65 3.36 -1.28
C THR A 213 -8.47 3.45 -2.24
N GLY A 214 -7.26 3.37 -1.70
CA GLY A 214 -6.07 3.49 -2.53
C GLY A 214 -4.90 2.65 -2.11
N ILE A 215 -3.90 2.59 -2.99
CA ILE A 215 -2.63 1.87 -2.77
C ILE A 215 -1.52 2.87 -3.09
N VAL A 216 -0.59 3.09 -2.13
CA VAL A 216 0.54 4.03 -2.32
C VAL A 216 1.27 3.69 -3.61
N SER A 217 1.37 4.64 -4.52
CA SER A 217 1.96 4.38 -5.82
C SER A 217 3.17 5.26 -6.14
N TRP A 218 2.97 6.59 -6.26
CA TRP A 218 4.06 7.49 -6.66
C TRP A 218 3.87 8.91 -6.17
N GLY A 219 4.92 9.69 -6.28
CA GLY A 219 4.92 11.08 -5.87
C GLY A 219 6.28 11.71 -6.14
N ARG A 220 6.28 13.04 -6.28
CA ARG A 220 7.52 13.80 -6.47
C ARG A 220 8.02 14.16 -5.08
N GLY A 221 9.20 13.63 -4.72
CA GLY A 221 9.79 13.82 -3.40
C GLY A 221 8.84 13.28 -2.34
N CYS A 222 8.93 13.77 -1.09
CA CYS A 222 8.02 13.41 0.01
C CYS A 222 7.70 14.65 0.80
N ALA A 223 6.41 14.83 1.12
CA ALA A 223 5.88 15.99 1.84
C ALA A 223 6.33 17.32 1.16
N LEU A 224 6.46 17.29 -0.18
CA LEU A 224 6.83 18.47 -0.94
C LEU A 224 5.61 19.29 -1.28
N LYS A 225 5.76 20.63 -1.20
CA LYS A 225 4.68 21.58 -1.53
C LYS A 225 4.18 21.33 -2.95
N ASP A 226 2.83 21.26 -3.10
CA ASP A 226 2.15 21.02 -4.38
C ASP A 226 2.43 19.67 -5.03
N LYS A 227 3.00 18.74 -4.27
CA LYS A 227 3.34 17.39 -4.78
C LYS A 227 2.67 16.32 -3.91
N PRO A 228 1.38 16.05 -4.16
CA PRO A 228 0.67 15.06 -3.33
C PRO A 228 1.19 13.65 -3.54
N GLY A 229 0.83 12.79 -2.61
CA GLY A 229 1.04 11.36 -2.76
C GLY A 229 0.01 10.95 -3.82
N VAL A 230 0.40 10.03 -4.73
CA VAL A 230 -0.50 9.53 -5.76
C VAL A 230 -0.72 8.04 -5.49
N TYR A 231 -1.98 7.64 -5.49
CA TYR A 231 -2.45 6.32 -5.10
C TYR A 231 -3.23 5.69 -6.22
N THR A 232 -3.09 4.35 -6.39
CA THR A 232 -3.86 3.60 -7.37
C THR A 232 -5.33 3.65 -6.88
N ARG A 233 -6.28 4.02 -7.76
CA ARG A 233 -7.70 4.11 -7.38
C ARG A 233 -8.29 2.71 -7.46
N VAL A 234 -8.38 2.07 -6.30
CA VAL A 234 -8.82 0.68 -6.16
C VAL A 234 -10.20 0.41 -6.83
N SER A 235 -11.15 1.37 -6.72
CA SER A 235 -12.49 1.22 -7.31
C SER A 235 -12.45 1.00 -8.84
N HIS A 236 -11.42 1.52 -9.52
CA HIS A 236 -11.29 1.30 -10.97
C HIS A 236 -10.95 -0.15 -11.29
N PHE A 237 -10.19 -0.79 -10.39
CA PHE A 237 -9.64 -2.11 -10.57
C PHE A 237 -10.44 -3.28 -10.04
N LEU A 238 -11.68 -3.02 -9.56
CA LEU A 238 -12.56 -4.08 -9.06
C LEU A 238 -12.77 -5.22 -10.07
N PRO A 239 -13.00 -4.97 -11.39
CA PRO A 239 -13.08 -6.11 -12.33
C PRO A 239 -11.79 -6.94 -12.41
N TRP A 240 -10.62 -6.28 -12.45
CA TRP A 240 -9.30 -6.96 -12.49
C TRP A 240 -9.04 -7.75 -11.19
N ILE A 241 -9.37 -7.15 -10.03
CA ILE A 241 -9.18 -7.81 -8.70
C ILE A 241 -10.04 -9.06 -8.63
N ARG A 242 -11.33 -8.92 -8.98
CA ARG A 242 -12.27 -10.04 -8.93
C ARG A 242 -11.82 -11.17 -9.88
N SER A 243 -11.42 -10.82 -11.12
CA SER A 243 -10.99 -11.80 -12.11
CA SER A 243 -11.00 -11.81 -12.10
C SER A 243 -9.71 -12.53 -11.71
N HIS A 244 -8.74 -11.81 -11.10
CA HIS A 244 -7.48 -12.45 -10.71
C HIS A 244 -7.50 -13.16 -9.36
N THR A 245 -8.58 -13.02 -8.56
CA THR A 245 -8.65 -13.72 -7.27
C THR A 245 -9.55 -14.95 -7.35
N LYS A 246 -10.24 -15.13 -8.49
CA LYS A 246 -11.15 -16.24 -8.77
C LYS A 246 -10.39 -17.47 -9.27
BR 8UP B . 13.49 10.06 -1.21
C14 8UP B . 12.35 9.38 -2.74
C13 8UP B . 11.28 10.41 -3.06
C12 8UP B . 10.05 9.77 -3.77
O2 8UP B . 9.51 8.87 -2.79
C11 8UP B . 8.68 7.91 -3.26
C2 8UP B . 9.20 6.76 -3.87
O1 8UP B . 10.58 6.76 -3.99
C1 8UP B . 11.22 5.83 -4.89
C10 8UP B . 7.25 8.07 -3.08
C5 8UP B . 6.40 7.01 -3.51
C4 8UP B . 6.94 5.88 -4.14
C3 8UP B . 8.30 5.74 -4.31
C9 8UP B . 6.68 9.23 -2.50
C8 8UP B . 5.32 9.34 -2.37
C15 8UP B . 4.68 10.58 -1.80
N2 8UP B . 5.29 11.81 -2.00
N1 8UP B . 3.59 10.38 -1.17
C7 8UP B . 4.45 8.23 -2.76
C6 8UP B . 4.98 7.11 -3.32
H14 8UP B . 11.99 8.41 -2.39
H13 8UP B . 13.06 9.23 -3.55
H12 8UP B . 10.96 10.94 -2.16
H11 8UP B . 11.71 11.19 -3.68
H9 8UP B . 9.33 10.53 -4.07
H10 8UP B . 10.36 9.26 -4.68
H2 8UP B . 12.29 6.00 -4.98
H3 8UP B . 11.07 4.78 -4.61
H1 8UP B . 10.75 6.01 -5.84
H5 8UP B . 6.26 5.12 -4.54
H4 8UP B . 8.67 4.84 -4.79
H8 8UP B . 7.33 10.02 -2.13
H17 8UP B . 4.88 12.66 -1.62
H15 8UP B . 6.15 11.93 -2.52
H16 8UP B . 3.14 11.21 -0.82
H7 8UP B . 3.37 8.32 -2.63
H6 8UP B . 4.35 6.28 -3.61
C1 SIN C . 9.12 2.06 -2.75
O1 SIN C . 8.47 2.87 -2.16
O2 SIN C . 9.08 2.03 -4.06
C2 SIN C . 9.97 1.07 -1.96
C3 SIN C . 10.81 0.17 -2.85
C4 SIN C . 12.03 0.83 -3.42
O3 SIN C . 12.31 1.98 -3.19
O4 SIN C . 12.79 0.03 -4.24
S SO4 D . -8.06 -0.31 -17.71
O1 SO4 D . -7.67 -0.63 -16.34
O2 SO4 D . -7.51 1.00 -18.12
O3 SO4 D . -9.54 -0.28 -17.82
O4 SO4 D . -7.54 -1.36 -18.60
S SO4 E . -14.25 3.58 -13.18
O1 SO4 E . -14.48 3.59 -11.73
O2 SO4 E . -12.86 3.94 -13.47
O3 SO4 E . -15.13 4.58 -13.82
O4 SO4 E . -14.56 2.23 -13.73
S SO4 F . -3.63 5.38 -17.06
O1 SO4 F . -4.88 6.04 -16.63
O2 SO4 F . -2.73 5.27 -15.90
O3 SO4 F . -4.00 4.05 -17.60
O4 SO4 F . -2.97 6.13 -18.09
C1 GOL G . 7.72 -21.75 9.44
O1 GOL G . 6.98 -22.15 10.58
C2 GOL G . 8.47 -20.50 9.82
O2 GOL G . 7.54 -19.45 9.69
C3 GOL G . 9.68 -20.34 8.88
O3 GOL G . 10.50 -19.24 9.29
C1 GOL H . 12.37 -10.57 7.91
O1 GOL H . 12.13 -11.97 7.61
C2 GOL H . 13.27 -10.45 9.14
O2 GOL H . 12.59 -10.96 10.28
C3 GOL H . 13.61 -8.99 9.42
O3 GOL H . 14.54 -8.50 8.47
C1 GOL I . 19.77 -7.58 -5.93
O1 GOL I . 19.72 -6.41 -5.09
C2 GOL I . 19.74 -8.80 -5.06
O2 GOL I . 20.84 -8.68 -4.17
C3 GOL I . 19.86 -10.11 -5.82
O3 GOL I . 19.97 -11.25 -4.96
C1 GOL J . 15.73 -0.37 3.37
O1 GOL J . 15.30 -0.72 4.69
C2 GOL J . 14.86 -1.10 2.33
O2 GOL J . 15.02 -2.51 2.51
C3 GOL J . 15.25 -0.62 0.91
O3 GOL J . 14.41 -1.17 -0.12
C ACT K . -6.90 10.54 -17.71
O ACT K . -6.52 11.65 -17.36
OXT ACT K . -7.63 9.87 -17.01
CH3 ACT K . -6.39 9.93 -18.97
C ACT L . 7.21 13.02 -18.89
O ACT L . 8.41 12.84 -18.57
OXT ACT L . 6.59 12.19 -19.54
CH3 ACT L . 6.49 14.28 -18.46
C ACT M . 9.59 18.48 -10.42
O ACT M . 10.77 18.67 -10.80
OXT ACT M . 8.90 17.60 -10.94
CH3 ACT M . 9.03 19.30 -9.29
#